data_4WS4
#
_entry.id   4WS4
#
_cell.length_a   39.024
_cell.length_b   64.117
_cell.length_c   45.131
_cell.angle_alpha   90.00
_cell.angle_beta   112.46
_cell.angle_gamma   90.00
#
_symmetry.space_group_name_H-M   'P 1 21 1'
#
loop_
_entity.id
_entity.type
_entity.pdbx_description
1 polymer 'Uracil-DNA glycosylase'
2 non-polymer 'CITRIC ACID'
3 non-polymer 5-nitrouracil
4 non-polymer 'ISOPROPYL ALCOHOL'
5 non-polymer 'DIMETHYL SULFOXIDE'
6 non-polymer 'CHLORIDE ION'
7 water water
#
_entity_poly.entity_id   1
_entity_poly.type   'polypeptide(L)'
_entity_poly.pdbx_seq_one_letter_code
;MHHHHHHGMASMTARPLSELVERGWAAALEPVADQVAHMGQFLRAEIAAGRRYLPAGSNVLRAFTFPFDNVRVLIVGQDP
YPTPGHAVGLSFSVAPDVRPWPRSLANIFDEYTADLGYPLPSNGDLTPWAQRGVLLLNRVLTVRPSNPASHRGKGWEAVT
ECAIRALAARAAPLVAILWGRDASTLKPMLAAGNCVAIESPHPSPLSASRGFFGSRPFSRANELLVGMGAEPIDWRLP
;
_entity_poly.pdbx_strand_id   A
#
loop_
_chem_comp.id
_chem_comp.type
_chem_comp.name
_chem_comp.formula
5NU non-polymer 5-nitrouracil 'C4 H3 N3 O4'
CIT non-polymer 'CITRIC ACID' 'C6 H8 O7'
CL non-polymer 'CHLORIDE ION' 'Cl -1'
DMS non-polymer 'DIMETHYL SULFOXIDE' 'C2 H6 O S'
IPA non-polymer 'ISOPROPYL ALCOHOL' 'C3 H8 O'
#
# COMPACT_ATOMS: atom_id res chain seq x y z
N SER A 11 13.24 14.26 5.97
CA SER A 11 14.20 13.33 5.31
C SER A 11 14.41 12.01 6.06
N MET A 12 14.25 10.85 5.39
N MET A 12 14.22 10.93 5.33
CA MET A 12 14.42 9.54 6.06
CA MET A 12 14.41 9.57 5.76
C MET A 12 15.88 9.26 6.42
C MET A 12 15.81 9.29 6.34
N THR A 13 16.82 9.90 5.74
CA THR A 13 18.21 9.77 6.16
C THR A 13 18.52 10.60 7.41
N ALA A 14 17.81 11.72 7.57
CA ALA A 14 18.17 12.74 8.54
C ALA A 14 17.37 12.66 9.85
N ARG A 15 16.14 12.17 9.79
CA ARG A 15 15.24 12.22 10.96
C ARG A 15 14.78 10.86 11.38
N PRO A 16 14.49 10.69 12.67
CA PRO A 16 14.09 9.38 13.17
C PRO A 16 12.60 9.06 12.90
N LEU A 17 12.26 7.80 13.04
CA LEU A 17 10.89 7.35 12.80
C LEU A 17 9.89 8.11 13.65
N SER A 18 10.27 8.46 14.89
CA SER A 18 9.33 9.20 15.73
C SER A 18 8.89 10.52 15.13
N GLU A 19 9.72 11.06 14.25
N GLU A 19 9.71 11.13 14.27
CA GLU A 19 9.45 12.33 13.62
CA GLU A 19 9.32 12.36 13.54
C GLU A 19 9.01 12.19 12.13
C GLU A 19 8.62 12.04 12.22
N LEU A 20 9.04 10.97 11.57
CA LEU A 20 8.62 10.69 10.19
C LEU A 20 7.24 10.05 10.06
N VAL A 21 6.88 9.22 11.03
CA VAL A 21 5.66 8.41 10.89
C VAL A 21 4.83 8.52 12.18
N GLU A 22 3.60 8.03 12.09
CA GLU A 22 2.65 8.07 13.21
C GLU A 22 3.18 7.21 14.36
N ARG A 23 2.77 7.54 15.60
CA ARG A 23 3.29 6.90 16.81
C ARG A 23 3.31 5.38 16.76
N GLY A 24 2.15 4.75 16.50
CA GLY A 24 2.10 3.32 16.43
C GLY A 24 3.05 2.75 15.38
N TRP A 25 3.10 3.41 14.23
CA TRP A 25 4.00 2.98 13.17
C TRP A 25 5.47 3.13 13.56
N ALA A 26 5.83 4.19 14.27
CA ALA A 26 7.26 4.38 14.67
C ALA A 26 7.71 3.23 15.55
N ALA A 27 6.83 2.75 16.44
CA ALA A 27 7.16 1.60 17.29
C ALA A 27 7.15 0.31 16.48
N ALA A 28 6.15 0.15 15.59
CA ALA A 28 6.07 -1.05 14.78
C ALA A 28 7.31 -1.24 13.91
N LEU A 29 7.87 -0.13 13.41
CA LEU A 29 8.98 -0.17 12.49
C LEU A 29 10.33 -0.05 13.19
N GLU A 30 10.34 -0.09 14.52
N GLU A 30 10.35 -0.08 14.53
CA GLU A 30 11.61 0.00 15.25
CA GLU A 30 11.64 -0.03 15.25
C GLU A 30 12.63 -1.03 14.75
C GLU A 30 12.65 -1.04 14.75
N PRO A 31 12.26 -2.29 14.47
CA PRO A 31 13.28 -3.24 13.97
C PRO A 31 13.98 -2.85 12.69
N VAL A 32 13.35 -1.98 11.90
CA VAL A 32 13.92 -1.55 10.64
C VAL A 32 14.32 -0.09 10.64
N ALA A 33 14.59 0.47 11.81
CA ALA A 33 14.99 1.89 11.89
C ALA A 33 16.25 2.17 11.07
N ASP A 34 17.27 1.36 11.27
CA ASP A 34 18.50 1.53 10.50
C ASP A 34 18.27 1.32 9.02
N GLN A 35 17.46 0.35 8.68
CA GLN A 35 17.14 0.07 7.28
C GLN A 35 16.43 1.21 6.58
N VAL A 36 15.54 1.91 7.32
CA VAL A 36 14.88 3.09 6.75
C VAL A 36 15.91 4.19 6.49
N ALA A 37 16.83 4.43 7.43
CA ALA A 37 17.89 5.39 7.20
C ALA A 37 18.75 4.97 6.01
N HIS A 38 19.06 3.69 5.89
CA HIS A 38 19.80 3.17 4.73
CA HIS A 38 19.81 3.21 4.74
C HIS A 38 19.07 3.46 3.43
N MET A 39 17.74 3.33 3.42
CA MET A 39 17.00 3.70 2.22
C MET A 39 17.11 5.15 1.88
N GLY A 40 17.11 6.03 2.87
CA GLY A 40 17.41 7.41 2.60
C GLY A 40 18.77 7.60 1.94
N GLN A 41 19.77 6.86 2.40
CA GLN A 41 21.10 6.90 1.79
C GLN A 41 21.11 6.38 0.36
N PHE A 42 20.31 5.34 0.11
CA PHE A 42 20.15 4.81 -1.25
C PHE A 42 19.60 5.88 -2.19
N LEU A 43 18.55 6.55 -1.74
CA LEU A 43 17.94 7.57 -2.59
C LEU A 43 18.88 8.73 -2.85
N ARG A 44 19.65 9.11 -1.82
CA ARG A 44 20.67 10.13 -2.00
C ARG A 44 21.68 9.71 -3.07
N ALA A 45 22.14 8.46 -2.98
CA ALA A 45 23.11 7.93 -3.95
C ALA A 45 22.52 7.89 -5.35
N GLU A 46 21.23 7.61 -5.50
CA GLU A 46 20.59 7.63 -6.81
C GLU A 46 20.67 9.01 -7.41
N ILE A 47 20.32 10.03 -6.61
CA ILE A 47 20.36 11.41 -7.11
C ILE A 47 21.80 11.80 -7.46
N ALA A 48 22.75 11.41 -6.61
CA ALA A 48 24.16 11.72 -6.88
C ALA A 48 24.63 11.10 -8.19
N ALA A 49 24.10 9.91 -8.52
CA ALA A 49 24.47 9.20 -9.73
C ALA A 49 23.71 9.68 -10.96
N GLY A 50 22.72 10.55 -10.80
CA GLY A 50 21.98 11.08 -11.92
C GLY A 50 20.67 10.36 -12.27
N ARG A 51 20.09 9.67 -11.28
CA ARG A 51 18.80 9.02 -11.41
C ARG A 51 17.87 9.64 -10.38
N ARG A 52 16.59 9.65 -10.71
CA ARG A 52 15.57 10.23 -9.84
C ARG A 52 14.73 9.11 -9.23
N TYR A 53 13.78 9.48 -8.39
CA TYR A 53 12.87 8.53 -7.79
C TYR A 53 11.49 9.15 -7.58
N LEU A 54 10.54 8.26 -7.42
CA LEU A 54 9.15 8.61 -7.15
C LEU A 54 8.64 7.70 -6.03
N PRO A 55 7.66 8.16 -5.23
CA PRO A 55 7.13 9.51 -5.14
C PRO A 55 8.16 10.47 -4.57
N ALA A 56 7.75 11.72 -4.40
CA ALA A 56 8.61 12.70 -3.72
C ALA A 56 9.05 12.17 -2.37
N GLY A 57 10.23 12.60 -1.93
CA GLY A 57 10.78 12.12 -0.70
C GLY A 57 9.81 12.24 0.48
N SER A 58 9.13 13.37 0.59
CA SER A 58 8.23 13.62 1.69
C SER A 58 6.99 12.72 1.70
N ASN A 59 6.73 12.02 0.59
CA ASN A 59 5.59 11.13 0.45
C ASN A 59 5.96 9.65 0.55
N VAL A 60 7.25 9.32 0.55
CA VAL A 60 7.62 7.91 0.47
C VAL A 60 6.99 7.07 1.59
N LEU A 61 7.01 7.62 2.81
CA LEU A 61 6.50 6.88 3.96
C LEU A 61 5.07 7.29 4.33
N ARG A 62 4.32 7.91 3.40
CA ARG A 62 3.03 8.50 3.72
C ARG A 62 2.03 7.46 4.25
N ALA A 63 2.06 6.23 3.78
CA ALA A 63 1.14 5.25 4.28
C ALA A 63 1.22 5.05 5.81
N PHE A 64 2.41 5.28 6.35
CA PHE A 64 2.71 5.13 7.76
C PHE A 64 2.39 6.37 8.58
N THR A 65 1.75 7.36 7.96
CA THR A 65 1.27 8.55 8.68
C THR A 65 -0.18 8.44 9.10
N PHE A 66 -0.86 7.37 8.69
CA PHE A 66 -2.22 7.09 9.16
C PHE A 66 -2.06 6.04 10.27
N PRO A 67 -2.95 6.05 11.26
CA PRO A 67 -2.65 5.28 12.47
C PRO A 67 -2.58 3.78 12.32
N PHE A 68 -1.48 3.23 12.81
CA PHE A 68 -1.24 1.80 12.83
C PHE A 68 -2.37 1.04 13.54
N ASP A 69 -2.81 1.56 14.69
CA ASP A 69 -3.79 0.83 15.46
C ASP A 69 -5.17 0.81 14.83
N ASN A 70 -5.39 1.67 13.83
CA ASN A 70 -6.68 1.76 13.15
C ASN A 70 -6.79 0.97 11.87
N VAL A 71 -5.69 0.35 11.44
CA VAL A 71 -5.74 -0.38 10.19
C VAL A 71 -6.66 -1.59 10.37
N ARG A 72 -7.61 -1.72 9.44
N ARG A 72 -7.62 -1.77 9.45
CA ARG A 72 -8.48 -2.88 9.31
CA ARG A 72 -8.41 -2.99 9.37
C ARG A 72 -8.14 -3.74 8.12
C ARG A 72 -8.20 -3.78 8.08
N VAL A 73 -7.90 -3.06 6.99
CA VAL A 73 -7.57 -3.72 5.74
C VAL A 73 -6.24 -3.19 5.23
N LEU A 74 -5.41 -4.12 4.77
CA LEU A 74 -4.13 -3.82 4.14
C LEU A 74 -4.28 -4.18 2.66
N ILE A 75 -3.96 -3.21 1.78
CA ILE A 75 -3.81 -3.45 0.35
C ILE A 75 -2.34 -3.32 0.02
N VAL A 76 -1.79 -4.30 -0.68
CA VAL A 76 -0.39 -4.25 -1.07
C VAL A 76 -0.28 -4.43 -2.58
N GLY A 77 0.35 -3.44 -3.24
CA GLY A 77 0.79 -3.58 -4.62
C GLY A 77 2.28 -3.82 -4.75
N GLN A 78 2.80 -3.54 -5.94
CA GLN A 78 4.16 -3.82 -6.29
C GLN A 78 5.11 -2.70 -5.87
N ASP A 79 4.95 -1.56 -6.53
CA ASP A 79 5.81 -0.39 -6.36
C ASP A 79 5.06 0.82 -6.91
N PRO A 80 5.57 2.05 -6.68
CA PRO A 80 4.76 3.21 -7.05
C PRO A 80 4.61 3.41 -8.56
N TYR A 81 3.64 4.23 -8.92
CA TYR A 81 3.46 4.58 -10.34
C TYR A 81 4.77 5.12 -10.90
N PRO A 82 5.13 4.77 -12.15
CA PRO A 82 6.38 5.25 -12.73
C PRO A 82 6.32 6.61 -13.41
N THR A 83 5.13 7.16 -13.60
CA THR A 83 5.01 8.43 -14.32
C THR A 83 5.15 9.58 -13.36
N PRO A 84 6.04 10.53 -13.62
CA PRO A 84 6.10 11.73 -12.79
C PRO A 84 4.70 12.35 -12.64
N GLY A 85 4.35 12.72 -11.42
CA GLY A 85 3.05 13.35 -11.17
C GLY A 85 1.93 12.39 -10.80
N HIS A 86 2.20 11.09 -10.77
CA HIS A 86 1.18 10.12 -10.37
C HIS A 86 1.32 9.66 -8.90
N ALA A 87 2.44 9.06 -8.54
CA ALA A 87 2.56 8.46 -7.20
C ALA A 87 2.51 9.53 -6.12
N VAL A 88 1.78 9.22 -5.05
CA VAL A 88 1.60 10.16 -3.92
C VAL A 88 1.94 9.48 -2.59
N GLY A 89 2.48 8.25 -2.59
CA GLY A 89 2.86 7.57 -1.35
C GLY A 89 1.75 6.77 -0.68
N LEU A 90 0.57 6.75 -1.29
CA LEU A 90 -0.50 5.82 -0.92
C LEU A 90 -0.66 4.95 -2.18
N SER A 91 -0.53 3.64 -2.04
CA SER A 91 -0.53 2.81 -3.23
C SER A 91 -1.80 3.01 -4.04
N PHE A 92 -1.57 3.11 -5.35
CA PHE A 92 -2.59 3.23 -6.39
C PHE A 92 -3.30 4.57 -6.46
N SER A 93 -3.15 5.42 -5.46
CA SER A 93 -3.85 6.68 -5.42
C SER A 93 -3.19 7.72 -6.32
N VAL A 94 -3.98 8.65 -6.82
CA VAL A 94 -3.45 9.82 -7.51
C VAL A 94 -4.10 11.05 -6.96
N ALA A 95 -3.50 12.20 -7.20
CA ALA A 95 -4.08 13.47 -6.76
C ALA A 95 -5.41 13.68 -7.44
N PRO A 96 -6.31 14.44 -6.78
CA PRO A 96 -7.64 14.60 -7.35
C PRO A 96 -7.69 15.24 -8.74
N ASP A 97 -6.65 15.98 -9.14
CA ASP A 97 -6.64 16.59 -10.46
C ASP A 97 -6.01 15.76 -11.57
N VAL A 98 -5.58 14.56 -11.24
CA VAL A 98 -4.94 13.73 -12.26
C VAL A 98 -5.95 13.03 -13.17
N ARG A 99 -5.65 13.11 -14.46
N ARG A 99 -5.85 13.28 -14.48
CA ARG A 99 -6.44 12.42 -15.46
CA ARG A 99 -6.64 12.56 -15.49
C ARG A 99 -5.70 12.54 -16.77
C ARG A 99 -5.88 12.63 -16.83
N PRO A 100 -5.86 11.54 -17.63
CA PRO A 100 -6.53 10.26 -17.38
C PRO A 100 -5.92 9.48 -16.23
N TRP A 101 -6.73 8.63 -15.62
CA TRP A 101 -6.23 7.73 -14.59
C TRP A 101 -5.22 6.75 -15.13
N PRO A 102 -4.22 6.38 -14.31
CA PRO A 102 -3.34 5.30 -14.73
C PRO A 102 -4.17 4.02 -14.91
N ARG A 103 -3.67 3.15 -15.76
N ARG A 103 -3.70 3.14 -15.77
CA ARG A 103 -4.38 1.95 -16.15
CA ARG A 103 -4.48 1.98 -16.14
C ARG A 103 -4.72 1.02 -14.98
C ARG A 103 -4.72 0.97 -15.00
N SER A 104 -3.80 0.84 -14.05
CA SER A 104 -4.07 -0.04 -12.89
C SER A 104 -5.27 0.50 -12.09
N LEU A 105 -5.31 1.84 -11.94
CA LEU A 105 -6.39 2.46 -11.18
C LEU A 105 -7.72 2.33 -11.94
N ALA A 106 -7.71 2.56 -13.24
CA ALA A 106 -8.94 2.34 -14.00
C ALA A 106 -9.45 0.91 -13.80
N ASN A 107 -8.55 -0.08 -13.78
CA ASN A 107 -8.97 -1.45 -13.58
C ASN A 107 -9.50 -1.69 -12.16
N ILE A 108 -8.81 -1.12 -11.15
CA ILE A 108 -9.34 -1.20 -9.79
C ILE A 108 -10.75 -0.63 -9.71
N PHE A 109 -10.97 0.53 -10.33
CA PHE A 109 -12.27 1.15 -10.25
C PHE A 109 -13.33 0.35 -11.02
N ASP A 110 -12.93 -0.28 -12.13
CA ASP A 110 -13.83 -1.16 -12.86
C ASP A 110 -14.31 -2.27 -11.91
N GLU A 111 -13.39 -2.90 -11.18
CA GLU A 111 -13.75 -3.97 -10.26
C GLU A 111 -14.58 -3.43 -9.08
N TYR A 112 -14.21 -2.27 -8.54
CA TYR A 112 -15.00 -1.59 -7.50
C TYR A 112 -16.45 -1.47 -7.95
N THR A 113 -16.70 -0.95 -9.15
CA THR A 113 -18.07 -0.82 -9.57
C THR A 113 -18.79 -2.19 -9.75
N ALA A 114 -18.08 -3.19 -10.30
CA ALA A 114 -18.69 -4.47 -10.51
C ALA A 114 -19.00 -5.19 -9.19
N ASP A 115 -18.09 -5.07 -8.23
CA ASP A 115 -18.22 -5.74 -6.94
C ASP A 115 -19.30 -5.07 -6.07
N LEU A 116 -19.19 -3.75 -5.92
CA LEU A 116 -19.98 -2.99 -4.97
C LEU A 116 -21.23 -2.35 -5.53
N GLY A 117 -21.29 -2.15 -6.84
CA GLY A 117 -22.45 -1.55 -7.49
C GLY A 117 -22.44 -0.04 -7.42
N TYR A 118 -21.37 0.57 -6.91
CA TYR A 118 -21.25 2.02 -6.83
C TYR A 118 -20.91 2.59 -8.20
N PRO A 119 -21.24 3.88 -8.41
CA PRO A 119 -20.83 4.49 -9.65
C PRO A 119 -19.34 4.65 -9.71
N LEU A 120 -18.83 4.88 -10.89
CA LEU A 120 -17.39 5.16 -10.96
C LEU A 120 -17.04 6.37 -10.10
N PRO A 121 -15.93 6.31 -9.37
CA PRO A 121 -15.49 7.49 -8.64
C PRO A 121 -15.27 8.71 -9.51
N SER A 122 -15.43 9.86 -8.88
CA SER A 122 -15.21 11.15 -9.53
C SER A 122 -13.73 11.39 -9.92
N ASN A 123 -12.81 10.91 -9.09
CA ASN A 123 -11.38 11.08 -9.36
C ASN A 123 -10.63 9.92 -8.74
N GLY A 124 -9.30 9.97 -8.85
CA GLY A 124 -8.49 8.86 -8.39
C GLY A 124 -7.89 8.97 -7.01
N ASP A 125 -8.44 9.87 -6.20
CA ASP A 125 -7.91 10.11 -4.86
C ASP A 125 -8.50 9.06 -3.89
N LEU A 126 -7.61 8.20 -3.38
CA LEU A 126 -7.98 7.15 -2.45
C LEU A 126 -7.79 7.55 -0.99
N THR A 127 -7.52 8.82 -0.68
N THR A 127 -7.53 8.83 -0.72
CA THR A 127 -7.43 9.19 0.74
CA THR A 127 -7.42 9.27 0.65
C THR A 127 -8.63 8.82 1.60
C THR A 127 -8.60 8.87 1.55
N PRO A 128 -9.86 8.80 1.05
CA PRO A 128 -10.93 8.37 1.96
C PRO A 128 -10.69 6.95 2.53
N TRP A 129 -10.19 6.05 1.67
CA TRP A 129 -9.88 4.72 2.16
C TRP A 129 -8.84 4.78 3.28
N ALA A 130 -7.77 5.53 3.08
CA ALA A 130 -6.70 5.66 4.09
C ALA A 130 -7.26 6.21 5.40
N GLN A 131 -8.19 7.12 5.30
CA GLN A 131 -8.79 7.78 6.47
C GLN A 131 -9.81 6.90 7.20
N ARG A 132 -10.17 5.76 6.58
CA ARG A 132 -11.12 4.80 7.12
C ARG A 132 -10.50 3.48 7.50
N GLY A 133 -9.18 3.45 7.60
CA GLY A 133 -8.52 2.24 8.08
C GLY A 133 -8.02 1.25 7.04
N VAL A 134 -7.85 1.74 5.81
CA VAL A 134 -7.26 0.91 4.75
C VAL A 134 -5.83 1.41 4.56
N LEU A 135 -4.88 0.52 4.73
CA LEU A 135 -3.46 0.82 4.54
C LEU A 135 -3.07 0.53 3.10
N LEU A 136 -2.64 1.57 2.40
CA LEU A 136 -2.35 1.50 0.97
C LEU A 136 -0.86 1.40 0.77
N LEU A 137 -0.37 0.17 0.86
CA LEU A 137 1.07 -0.12 0.81
C LEU A 137 1.49 -0.69 -0.55
N ASN A 138 2.78 -0.60 -0.82
CA ASN A 138 3.44 -1.36 -1.88
C ASN A 138 4.54 -2.19 -1.26
N ARG A 139 4.94 -3.27 -1.94
CA ARG A 139 6.05 -4.09 -1.42
C ARG A 139 7.35 -3.27 -1.38
N VAL A 140 7.51 -2.41 -2.39
CA VAL A 140 8.67 -1.53 -2.53
C VAL A 140 8.14 -0.10 -2.66
N LEU A 141 8.80 0.85 -1.96
CA LEU A 141 8.19 2.19 -1.74
C LEU A 141 8.72 3.29 -2.63
N THR A 142 9.68 2.98 -3.51
CA THR A 142 10.15 3.95 -4.48
C THR A 142 10.36 3.25 -5.81
N VAL A 143 10.45 4.08 -6.84
CA VAL A 143 10.72 3.59 -8.21
C VAL A 143 11.45 4.68 -8.99
N ARG A 144 12.32 4.33 -9.93
CA ARG A 144 12.88 5.31 -10.85
C ARG A 144 11.82 5.69 -11.88
N PRO A 145 11.70 6.97 -12.23
CA PRO A 145 10.73 7.36 -13.24
C PRO A 145 10.85 6.51 -14.47
N SER A 146 9.67 6.14 -14.98
CA SER A 146 9.50 5.44 -16.26
C SER A 146 9.98 4.01 -16.24
N ASN A 147 10.35 3.47 -15.08
CA ASN A 147 10.97 2.14 -15.01
C ASN A 147 10.34 1.30 -13.88
N PRO A 148 9.18 0.71 -14.15
CA PRO A 148 8.55 -0.17 -13.14
C PRO A 148 9.52 -1.22 -12.59
N ALA A 149 9.47 -1.42 -11.28
CA ALA A 149 10.24 -2.44 -10.58
C ALA A 149 11.72 -2.15 -10.47
N SER A 150 12.13 -0.94 -10.86
CA SER A 150 13.56 -0.61 -10.84
C SER A 150 14.19 -0.58 -9.46
N HIS A 151 13.39 -0.41 -8.39
CA HIS A 151 13.98 -0.46 -7.07
C HIS A 151 13.73 -1.77 -6.34
N ARG A 152 13.26 -2.80 -7.07
CA ARG A 152 13.16 -4.12 -6.48
C ARG A 152 14.50 -4.59 -5.94
N GLY A 153 14.49 -5.17 -4.76
CA GLY A 153 15.70 -5.75 -4.20
C GLY A 153 16.74 -4.77 -3.69
N LYS A 154 16.35 -3.53 -3.45
CA LYS A 154 17.25 -2.49 -2.98
C LYS A 154 17.13 -2.17 -1.52
N GLY A 155 16.31 -2.91 -0.79
CA GLY A 155 16.23 -2.75 0.67
C GLY A 155 14.85 -2.44 1.20
N TRP A 156 13.89 -2.05 0.35
CA TRP A 156 12.58 -1.77 0.89
C TRP A 156 11.86 -3.00 1.41
N GLU A 157 12.14 -4.17 0.83
CA GLU A 157 11.40 -5.37 1.19
C GLU A 157 11.48 -5.66 2.70
N ALA A 158 12.61 -5.44 3.33
CA ALA A 158 12.71 -5.66 4.76
C ALA A 158 11.79 -4.71 5.54
N VAL A 159 11.62 -3.51 5.03
CA VAL A 159 10.77 -2.53 5.70
C VAL A 159 9.29 -2.95 5.62
N THR A 160 8.85 -3.33 4.41
CA THR A 160 7.46 -3.71 4.27
C THR A 160 7.15 -5.06 4.90
N GLU A 161 8.14 -5.97 4.94
CA GLU A 161 8.01 -7.21 5.72
C GLU A 161 7.76 -6.88 7.19
N CYS A 162 8.55 -5.98 7.74
CA CYS A 162 8.41 -5.61 9.15
C CYS A 162 7.02 -4.99 9.42
N ALA A 163 6.58 -4.11 8.51
CA ALA A 163 5.26 -3.50 8.63
C ALA A 163 4.17 -4.57 8.73
N ILE A 164 4.22 -5.56 7.83
CA ILE A 164 3.22 -6.62 7.80
C ILE A 164 3.30 -7.49 9.05
N ARG A 165 4.50 -7.85 9.51
N ARG A 165 4.52 -7.81 9.44
CA ARG A 165 4.59 -8.69 10.73
CA ARG A 165 4.68 -8.65 10.61
C ARG A 165 3.98 -7.94 11.89
C ARG A 165 4.04 -7.95 11.83
N ALA A 166 4.27 -6.65 11.97
CA ALA A 166 3.77 -5.87 13.08
C ALA A 166 2.25 -5.79 13.05
N LEU A 167 1.68 -5.53 11.87
CA LEU A 167 0.24 -5.48 11.75
C LEU A 167 -0.38 -6.81 12.18
N ALA A 168 0.22 -7.90 11.71
CA ALA A 168 -0.32 -9.25 12.01
C ALA A 168 -0.23 -9.61 13.50
N ALA A 169 0.76 -9.03 14.20
CA ALA A 169 0.98 -9.32 15.61
C ALA A 169 0.03 -8.54 16.53
N ARG A 170 -0.66 -7.52 16.01
CA ARG A 170 -1.61 -6.76 16.83
C ARG A 170 -2.78 -7.66 17.25
N ALA A 171 -3.39 -7.33 18.38
CA ALA A 171 -4.71 -7.87 18.72
C ALA A 171 -5.73 -7.52 17.62
N ALA A 172 -5.70 -6.31 17.12
CA ALA A 172 -6.67 -5.85 16.14
C ALA A 172 -6.83 -6.81 14.89
N PRO A 173 -8.07 -7.09 14.44
CA PRO A 173 -8.26 -7.90 13.25
C PRO A 173 -7.62 -7.27 12.03
N LEU A 174 -7.23 -8.11 11.07
CA LEU A 174 -6.64 -7.61 9.83
C LEU A 174 -7.10 -8.49 8.68
N VAL A 175 -7.51 -7.84 7.59
CA VAL A 175 -7.65 -8.52 6.30
C VAL A 175 -6.62 -7.94 5.35
N ALA A 176 -5.88 -8.82 4.66
CA ALA A 176 -4.89 -8.37 3.68
C ALA A 176 -5.39 -8.72 2.27
N ILE A 177 -5.18 -7.79 1.37
CA ILE A 177 -5.40 -7.94 -0.06
C ILE A 177 -4.04 -7.76 -0.74
N LEU A 178 -3.55 -8.83 -1.36
CA LEU A 178 -2.23 -8.85 -1.97
C LEU A 178 -2.41 -8.91 -3.47
N TRP A 179 -2.02 -7.84 -4.15
CA TRP A 179 -2.19 -7.69 -5.60
C TRP A 179 -0.85 -7.92 -6.29
N GLY A 180 -0.71 -9.08 -6.93
CA GLY A 180 0.48 -9.36 -7.69
C GLY A 180 1.53 -10.19 -6.95
N ARG A 181 2.56 -10.55 -7.70
CA ARG A 181 3.53 -11.52 -7.23
C ARG A 181 4.42 -10.94 -6.11
N ASP A 182 4.88 -9.72 -6.25
CA ASP A 182 5.75 -9.17 -5.21
C ASP A 182 4.94 -9.03 -3.90
N ALA A 183 3.71 -8.53 -3.99
CA ALA A 183 2.86 -8.46 -2.80
C ALA A 183 2.67 -9.84 -2.16
N SER A 184 2.50 -10.86 -2.99
CA SER A 184 2.25 -12.22 -2.52
C SER A 184 3.39 -12.77 -1.66
N THR A 185 4.59 -12.23 -1.76
CA THR A 185 5.70 -12.73 -0.94
C THR A 185 5.51 -12.35 0.53
N LEU A 186 4.49 -11.54 0.84
CA LEU A 186 4.12 -11.26 2.23
C LEU A 186 3.25 -12.33 2.84
N LYS A 187 2.70 -13.25 2.02
CA LYS A 187 1.78 -14.25 2.54
C LYS A 187 2.33 -15.05 3.73
N PRO A 188 3.58 -15.52 3.73
CA PRO A 188 4.02 -16.33 4.88
C PRO A 188 3.94 -15.58 6.21
N MET A 189 4.19 -14.28 6.18
CA MET A 189 4.17 -13.47 7.39
C MET A 189 2.74 -13.23 7.89
N LEU A 190 1.76 -13.33 7.00
CA LEU A 190 0.37 -13.13 7.37
C LEU A 190 -0.37 -14.34 8.08
N ALA A 191 0.35 -15.36 8.53
CA ALA A 191 -0.22 -16.64 9.08
C ALA A 191 -1.07 -16.62 10.39
N ALA A 192 -0.92 -15.57 11.19
CA ALA A 192 -1.63 -15.25 12.45
C ALA A 192 -3.17 -15.49 12.52
N GLY A 193 -3.67 -16.08 13.61
CA GLY A 193 -5.14 -16.38 13.78
C GLY A 193 -6.12 -15.21 13.49
N ASN A 194 -5.73 -14.01 13.98
CA ASN A 194 -6.39 -12.70 13.75
C ASN A 194 -6.30 -12.08 12.32
N CYS A 195 -5.85 -12.86 11.35
N CYS A 195 -5.59 -12.76 11.40
CA CYS A 195 -5.34 -12.31 10.10
CA CYS A 195 -5.34 -12.27 10.02
C CYS A 195 -5.62 -13.21 8.88
C CYS A 195 -5.84 -13.24 8.97
N VAL A 196 -6.34 -12.69 7.87
CA VAL A 196 -6.65 -13.51 6.70
CA VAL A 196 -6.76 -13.45 6.69
C VAL A 196 -6.27 -12.74 5.44
N ALA A 197 -5.76 -13.47 4.45
CA ALA A 197 -5.24 -12.89 3.22
C ALA A 197 -6.06 -13.33 2.04
N ILE A 198 -6.38 -12.35 1.20
CA ILE A 198 -6.93 -12.53 -0.13
C ILE A 198 -5.73 -12.25 -1.08
N GLU A 199 -5.50 -13.14 -2.04
CA GLU A 199 -4.45 -12.97 -3.06
C GLU A 199 -5.09 -12.98 -4.43
N SER A 200 -4.68 -12.04 -5.29
N SER A 200 -4.65 -12.05 -5.29
CA SER A 200 -5.07 -12.11 -6.69
CA SER A 200 -5.17 -11.93 -6.65
C SER A 200 -3.96 -11.61 -7.58
C SER A 200 -4.07 -11.46 -7.58
N PRO A 201 -4.14 -11.84 -8.87
CA PRO A 201 -3.31 -11.15 -9.84
C PRO A 201 -3.44 -9.64 -9.71
N HIS A 202 -2.40 -8.94 -10.09
CA HIS A 202 -2.33 -7.49 -10.04
C HIS A 202 -3.30 -6.85 -11.03
N PRO A 203 -3.86 -5.69 -10.69
CA PRO A 203 -4.81 -5.02 -11.57
C PRO A 203 -4.21 -4.43 -12.83
N SER A 204 -2.89 -4.40 -12.98
CA SER A 204 -2.29 -3.91 -14.21
C SER A 204 -2.91 -4.63 -15.41
N PRO A 205 -2.99 -3.95 -16.56
CA PRO A 205 -3.40 -4.69 -17.78
C PRO A 205 -2.59 -5.94 -18.09
N LEU A 206 -1.35 -6.03 -17.65
CA LEU A 206 -0.54 -7.20 -17.93
C LEU A 206 -1.06 -8.48 -17.26
N SER A 207 -1.81 -8.32 -16.18
CA SER A 207 -2.23 -9.46 -15.38
C SER A 207 -3.70 -9.47 -15.02
N ALA A 208 -4.44 -8.36 -15.23
CA ALA A 208 -5.76 -8.25 -14.62
C ALA A 208 -6.70 -9.35 -15.12
N SER A 209 -6.54 -9.75 -16.39
CA SER A 209 -7.41 -10.77 -16.99
C SER A 209 -7.10 -12.18 -16.54
N ARG A 210 -6.10 -12.35 -15.68
CA ARG A 210 -5.71 -13.64 -15.12
C ARG A 210 -6.45 -13.93 -13.83
N GLY A 211 -7.32 -13.02 -13.38
CA GLY A 211 -8.04 -13.22 -12.14
C GLY A 211 -8.23 -11.99 -11.27
N PHE A 212 -7.76 -10.81 -11.70
CA PHE A 212 -8.14 -9.60 -10.95
C PHE A 212 -9.61 -9.23 -11.18
N PHE A 213 -10.00 -9.11 -12.44
CA PHE A 213 -11.42 -8.90 -12.73
C PHE A 213 -12.25 -10.07 -12.23
N GLY A 214 -13.32 -9.74 -11.52
CA GLY A 214 -14.16 -10.75 -10.89
C GLY A 214 -13.70 -11.19 -9.49
N SER A 215 -12.60 -10.64 -8.98
CA SER A 215 -12.08 -11.09 -7.73
C SER A 215 -12.85 -10.52 -6.51
N ARG A 216 -13.64 -9.47 -6.71
CA ARG A 216 -14.52 -8.95 -5.65
C ARG A 216 -13.79 -8.77 -4.30
N PRO A 217 -12.67 -8.03 -4.29
CA PRO A 217 -11.88 -7.98 -3.05
C PRO A 217 -12.56 -7.17 -1.96
N PHE A 218 -13.34 -6.18 -2.37
CA PHE A 218 -13.90 -5.22 -1.43
C PHE A 218 -14.99 -5.85 -0.59
N SER A 219 -15.94 -6.51 -1.28
CA SER A 219 -16.98 -7.24 -0.54
C SER A 219 -16.43 -8.44 0.23
N ARG A 220 -15.43 -9.14 -0.33
CA ARG A 220 -14.84 -10.24 0.40
C ARG A 220 -14.17 -9.74 1.67
N ALA A 221 -13.43 -8.64 1.58
CA ALA A 221 -12.78 -8.10 2.75
C ALA A 221 -13.80 -7.77 3.85
N ASN A 222 -14.92 -7.19 3.46
CA ASN A 222 -15.95 -6.85 4.42
C ASN A 222 -16.59 -8.08 5.07
N GLU A 223 -16.84 -9.12 4.28
CA GLU A 223 -17.34 -10.37 4.85
C GLU A 223 -16.35 -10.93 5.86
N LEU A 224 -15.07 -10.88 5.53
CA LEU A 224 -14.06 -11.37 6.45
C LEU A 224 -13.97 -10.52 7.73
N LEU A 225 -14.05 -9.20 7.61
CA LEU A 225 -14.04 -8.34 8.79
C LEU A 225 -15.24 -8.64 9.71
N VAL A 226 -16.42 -8.69 9.12
CA VAL A 226 -17.64 -8.97 9.91
C VAL A 226 -17.52 -10.34 10.59
N GLY A 227 -16.97 -11.32 9.88
CA GLY A 227 -16.75 -12.64 10.49
C GLY A 227 -15.75 -12.71 11.65
N MET A 228 -14.88 -11.72 11.81
N MET A 228 -14.89 -11.70 11.74
CA MET A 228 -14.02 -11.69 12.99
CA MET A 228 -13.94 -11.56 12.85
C MET A 228 -14.50 -10.65 14.00
C MET A 228 -14.46 -10.57 13.91
N GLY A 229 -15.70 -10.14 13.79
CA GLY A 229 -16.31 -9.20 14.73
C GLY A 229 -15.90 -7.76 14.55
N ALA A 230 -15.33 -7.42 13.40
CA ALA A 230 -14.94 -6.05 13.10
C ALA A 230 -15.96 -5.36 12.21
N GLU A 231 -15.89 -4.04 12.21
CA GLU A 231 -16.74 -3.25 11.32
C GLU A 231 -16.22 -3.33 9.88
N PRO A 232 -17.11 -3.43 8.90
CA PRO A 232 -16.69 -3.39 7.49
C PRO A 232 -16.17 -2.02 7.10
N ILE A 233 -15.37 -1.97 6.05
CA ILE A 233 -14.93 -0.70 5.47
C ILE A 233 -16.04 -0.09 4.68
N ASP A 234 -16.25 1.22 4.82
CA ASP A 234 -17.07 1.97 3.85
C ASP A 234 -16.17 2.30 2.67
N TRP A 235 -16.32 1.53 1.60
CA TRP A 235 -15.48 1.71 0.42
C TRP A 235 -15.91 2.87 -0.49
N ARG A 236 -17.07 3.44 -0.23
N ARG A 236 -17.09 3.45 -0.24
CA ARG A 236 -17.65 4.39 -1.16
CA ARG A 236 -17.65 4.39 -1.21
C ARG A 236 -16.80 5.64 -1.35
C ARG A 236 -16.80 5.63 -1.36
N LEU A 237 -16.40 5.90 -2.60
CA LEU A 237 -15.69 7.12 -2.95
C LEU A 237 -16.69 8.11 -3.57
N PRO A 238 -16.44 9.41 -3.41
CA PRO A 238 -17.31 10.40 -4.01
C PRO A 238 -17.12 10.48 -5.51
C1 CIT B . 2.46 4.23 -17.50
O1 CIT B . 1.57 4.56 -18.34
O2 CIT B . 3.55 4.90 -17.36
C2 CIT B . 2.30 2.99 -16.65
C3 CIT B . 1.03 2.76 -15.87
O7 CIT B . 0.77 3.72 -14.98
C4 CIT B . 0.98 1.33 -15.38
C5 CIT B . -0.28 0.96 -14.62
O3 CIT B . -0.49 -0.26 -14.42
O4 CIT B . -1.04 1.82 -14.20
C6 CIT B . -0.12 2.79 -16.95
O5 CIT B . -0.14 1.89 -17.87
O6 CIT B . -1.06 3.66 -16.91
C1 CIT C . 3.95 -9.42 -16.22
O1 CIT C . 4.08 -10.22 -17.17
O2 CIT C . 4.46 -8.27 -16.20
C2 CIT C . 3.11 -9.85 -15.03
C3 CIT C . 3.53 -9.25 -13.71
O7 CIT C . 3.54 -7.84 -13.82
C4 CIT C . 2.46 -9.57 -12.66
C5 CIT C . 2.93 -9.34 -11.23
O3 CIT C . 2.21 -9.74 -10.39
O4 CIT C . 3.97 -8.72 -10.95
C6 CIT C . 4.84 -9.89 -13.31
O5 CIT C . 4.84 -11.09 -12.93
O6 CIT C . 5.89 -9.23 -13.31
O4 5NU D . 1.61 -1.86 -7.81
C4 5NU D . 1.40 -0.63 -8.02
N3 5NU D . 1.22 0.21 -6.96
C2 5NU D . 1.03 1.52 -7.16
O2 5NU D . 1.05 2.27 -6.07
N1 5NU D . 0.94 2.13 -8.33
C6 5NU D . 1.11 1.36 -9.39
C5 5NU D . 1.31 0.00 -9.28
N51 5NU D . 1.59 -0.70 -10.46
O53 5NU D . 1.45 -0.09 -11.62
O52 5NU D . 2.29 -1.82 -10.46
C1 IPA E . -14.15 7.75 11.27
C2 IPA E . -13.39 7.15 10.12
C3 IPA E . -13.29 8.24 9.06
O2 IPA E . -12.12 6.72 10.59
S DMS F . 18.44 14.19 -14.30
O DMS F . 18.09 14.40 -12.85
C1 DMS F . 20.12 13.89 -14.52
C2 DMS F . 17.77 12.65 -14.72
S DMS G . 13.81 13.25 -6.64
O DMS G . 13.84 12.47 -7.90
C1 DMS G . 13.68 14.92 -6.99
C2 DMS G . 12.28 12.96 -5.92
S DMS H . -10.13 7.46 -16.66
O DMS H . -9.31 8.66 -16.82
C1 DMS H . -11.83 7.73 -16.57
C2 DMS H . -9.84 6.16 -17.71
S DMS I . -3.64 11.07 9.01
O DMS I . -4.90 11.49 8.31
C1 DMS I . -2.36 11.36 7.91
C2 DMS I . -3.31 12.30 10.13
CL CL J . 15.75 9.12 -13.75
CL CL K . 22.13 6.45 -14.98
#